data_4QMW
#
_entry.id   4QMW
#
_cell.length_a   47.763
_cell.length_b   55.337
_cell.length_c   60.233
_cell.angle_alpha   90.00
_cell.angle_beta   111.01
_cell.angle_gamma   90.00
#
_symmetry.space_group_name_H-M   'P 1 21 1'
#
loop_
_entity.id
_entity.type
_entity.pdbx_description
1 polymer 'SERINE/THREONINE-PROTEIN KINASE 24'
2 non-polymer 1-cyclopentyl-3-(1H-pyrrolo[2,3-b]pyridin-5-yl)-1H-pyrazolo[3,4-d]pyrimidin-4-amine
3 non-polymer 1,2-ETHANEDIOL
4 non-polymer 'ACETATE ION'
5 water water
#
_entity_poly.entity_id   1
_entity_poly.type   'polypeptide(L)'
_entity_poly.pdbx_seq_one_letter_code
;GPLGSEFMAHSPVQSGLPGMQNLKADPEELFTKLEKIGKGSFGEVFKGIDNRTQKVVAIKIIDLEEAEDEIEDIQQEITV
LSQCDSPYVTKYYGSYLKDTKLWIIMEYLGGGSALDLLEPGPLDETQIATILREILKGLDYLHSEKKIHRDIKAANVLLS
EHGEVKLADFGVAGQLTDTQIKRN(TPO)FVGTPFWMAPEVIKQSAYDSKADIWSLGITAIELARGEPPHSELHPMKVLF
LIPKNNPPTLEGNYSKPLKEFVEACLNKEPSFRPTAKELLKHKFILRNAKKTSYLTELIDRYKRWKAEQSHDDS
;
_entity_poly.pdbx_strand_id   A
#
# COMPACT_ATOMS: atom_id res chain seq x y z
N GLY A 19 -2.27 10.73 -21.23
CA GLY A 19 -3.57 10.14 -21.47
C GLY A 19 -3.61 8.65 -21.20
N MET A 20 -4.66 7.99 -21.70
CA MET A 20 -4.84 6.55 -21.54
C MET A 20 -4.78 5.85 -22.89
N GLN A 21 -3.59 5.86 -23.47
CA GLN A 21 -3.37 5.45 -24.85
C GLN A 21 -3.71 3.97 -25.09
N ASN A 22 -3.58 3.14 -24.06
CA ASN A 22 -3.85 1.71 -24.23
C ASN A 22 -5.18 1.27 -23.63
N LEU A 23 -6.11 2.21 -23.48
CA LEU A 23 -7.47 1.88 -23.07
C LEU A 23 -8.10 0.91 -24.06
N LYS A 24 -8.79 -0.10 -23.54
CA LYS A 24 -9.40 -1.11 -24.38
C LYS A 24 -10.91 -1.04 -24.26
N ALA A 25 -11.60 -1.85 -25.07
CA ALA A 25 -13.06 -1.89 -25.04
C ALA A 25 -13.55 -3.33 -24.97
N ASP A 26 -14.86 -3.49 -24.80
CA ASP A 26 -15.50 -4.82 -24.79
C ASP A 26 -14.90 -5.77 -23.77
N PRO A 27 -14.90 -5.40 -22.47
CA PRO A 27 -14.22 -6.26 -21.51
C PRO A 27 -14.85 -7.63 -21.37
N GLU A 28 -16.17 -7.72 -21.57
CA GLU A 28 -16.85 -9.00 -21.32
C GLU A 28 -16.59 -10.05 -22.40
N GLU A 29 -15.90 -9.67 -23.47
CA GLU A 29 -15.42 -10.67 -24.42
C GLU A 29 -14.30 -11.49 -23.79
N LEU A 30 -13.61 -10.88 -22.82
CA LEU A 30 -12.41 -11.47 -22.25
C LEU A 30 -12.55 -11.81 -20.77
N PHE A 31 -13.44 -11.11 -20.08
CA PHE A 31 -13.58 -11.30 -18.63
C PHE A 31 -15.03 -11.47 -18.22
N THR A 32 -15.26 -12.25 -17.16
CA THR A 32 -16.57 -12.39 -16.56
C THR A 32 -16.58 -11.70 -15.21
N LYS A 33 -17.54 -10.82 -15.00
CA LYS A 33 -17.68 -10.13 -13.74
C LYS A 33 -18.48 -10.98 -12.76
N LEU A 34 -17.93 -11.19 -11.57
CA LEU A 34 -18.59 -11.99 -10.54
C LEU A 34 -19.02 -11.08 -9.38
N GLU A 35 -18.98 -11.59 -8.16
CA GLU A 35 -19.59 -10.90 -7.03
C GLU A 35 -18.72 -9.75 -6.52
N LYS A 36 -19.37 -8.80 -5.85
CA LYS A 36 -18.66 -7.68 -5.25
C LYS A 36 -17.77 -8.14 -4.09
N ILE A 37 -16.56 -7.58 -4.03
CA ILE A 37 -15.60 -7.85 -2.97
C ILE A 37 -15.65 -6.77 -1.89
N GLY A 38 -15.69 -5.52 -2.31
CA GLY A 38 -15.70 -4.41 -1.38
C GLY A 38 -15.63 -3.07 -2.08
N LYS A 39 -15.55 -2.00 -1.30
CA LYS A 39 -15.40 -0.67 -1.86
C LYS A 39 -13.92 -0.39 -2.05
N GLY A 40 -13.57 0.11 -3.24
CA GLY A 40 -12.21 0.54 -3.49
C GLY A 40 -12.09 2.03 -3.24
N SER A 41 -10.91 2.57 -3.46
CA SER A 41 -10.67 3.99 -3.20
C SER A 41 -11.65 4.88 -3.95
N PHE A 42 -12.00 4.50 -5.19
CA PHE A 42 -12.93 5.31 -5.99
C PHE A 42 -13.93 4.51 -6.80
N GLY A 43 -14.26 3.31 -6.35
CA GLY A 43 -15.26 2.51 -7.03
C GLY A 43 -15.34 1.15 -6.39
N GLU A 44 -16.34 0.37 -6.76
CA GLU A 44 -16.49 -0.96 -6.18
C GLU A 44 -15.54 -1.95 -6.83
N VAL A 45 -15.06 -2.90 -6.04
CA VAL A 45 -14.16 -3.94 -6.55
C VAL A 45 -14.92 -5.26 -6.59
N PHE A 46 -14.84 -5.95 -7.71
CA PHE A 46 -15.54 -7.20 -7.94
C PHE A 46 -14.54 -8.31 -8.20
N LYS A 47 -14.91 -9.53 -7.86
CA LYS A 47 -14.16 -10.67 -8.34
C LYS A 47 -14.50 -10.87 -9.82
N GLY A 48 -13.57 -11.42 -10.59
CA GLY A 48 -13.86 -11.73 -11.97
C GLY A 48 -13.08 -12.94 -12.42
N ILE A 49 -13.33 -13.38 -13.66
CA ILE A 49 -12.60 -14.49 -14.28
C ILE A 49 -12.02 -14.06 -15.61
N ASP A 50 -10.74 -14.39 -15.83
CA ASP A 50 -10.12 -14.23 -17.13
C ASP A 50 -10.59 -15.41 -17.98
N ASN A 51 -11.37 -15.15 -19.02
CA ASN A 51 -11.96 -16.26 -19.77
C ASN A 51 -10.93 -17.03 -20.60
N ARG A 52 -9.72 -16.51 -20.78
CA ARG A 52 -8.72 -17.25 -21.55
C ARG A 52 -7.91 -18.22 -20.70
N THR A 53 -7.82 -17.96 -19.40
CA THR A 53 -6.97 -18.76 -18.50
C THR A 53 -7.77 -19.41 -17.40
N GLN A 54 -8.97 -18.88 -17.16
CA GLN A 54 -9.82 -19.26 -16.05
C GLN A 54 -9.21 -18.88 -14.70
N LYS A 55 -8.24 -17.96 -14.71
CA LYS A 55 -7.76 -17.41 -13.44
C LYS A 55 -8.71 -16.33 -12.94
N VAL A 56 -8.77 -16.21 -11.63
CA VAL A 56 -9.57 -15.17 -10.98
C VAL A 56 -8.79 -13.86 -11.03
N VAL A 57 -9.51 -12.78 -11.32
CA VAL A 57 -8.94 -11.44 -11.33
C VAL A 57 -9.77 -10.53 -10.42
N ALA A 58 -9.30 -9.30 -10.21
CA ALA A 58 -10.12 -8.30 -9.54
C ALA A 58 -10.47 -7.21 -10.55
N ILE A 59 -11.70 -6.72 -10.47
CA ILE A 59 -12.19 -5.70 -11.39
C ILE A 59 -12.71 -4.52 -10.59
N LYS A 60 -12.03 -3.39 -10.71
CA LYS A 60 -12.51 -2.18 -10.06
C LYS A 60 -13.34 -1.40 -11.07
N ILE A 61 -14.59 -1.14 -10.73
CA ILE A 61 -15.52 -0.51 -11.67
C ILE A 61 -15.89 0.89 -11.19
N ILE A 62 -15.73 1.89 -12.04
CA ILE A 62 -16.19 3.21 -11.68
C ILE A 62 -17.01 3.83 -12.81
N ASP A 63 -18.12 4.45 -12.42
CA ASP A 63 -19.00 5.15 -13.36
C ASP A 63 -18.46 6.54 -13.58
N LEU A 64 -18.08 6.83 -14.82
CA LEU A 64 -17.52 8.13 -15.14
C LEU A 64 -18.61 9.19 -15.22
N GLU A 65 -19.86 8.74 -15.36
CA GLU A 65 -21.02 9.63 -15.21
C GLU A 65 -21.01 10.33 -13.87
N GLU A 66 -20.92 9.53 -12.80
CA GLU A 66 -21.02 10.03 -11.44
C GLU A 66 -19.70 10.62 -10.96
N ALA A 67 -18.59 10.12 -11.51
CA ALA A 67 -17.26 10.58 -11.14
C ALA A 67 -17.09 12.06 -11.44
N GLU A 68 -16.44 12.78 -10.52
CA GLU A 68 -16.23 14.21 -10.68
C GLU A 68 -14.83 14.60 -10.23
N ASP A 69 -14.69 14.83 -8.93
CA ASP A 69 -13.42 15.23 -8.35
C ASP A 69 -12.38 14.13 -8.43
N GLU A 70 -12.84 12.88 -8.40
CA GLU A 70 -11.93 11.74 -8.33
C GLU A 70 -11.25 11.40 -9.66
N ILE A 71 -11.64 12.09 -10.74
CA ILE A 71 -11.17 11.71 -12.07
C ILE A 71 -9.64 11.80 -12.22
N GLU A 72 -9.04 12.84 -11.66
CA GLU A 72 -7.58 12.97 -11.73
C GLU A 72 -6.87 11.81 -11.06
N ASP A 73 -7.43 11.33 -9.95
CA ASP A 73 -6.82 10.23 -9.22
C ASP A 73 -7.10 8.88 -9.88
N ILE A 74 -8.26 8.74 -10.52
CA ILE A 74 -8.53 7.60 -11.38
C ILE A 74 -7.49 7.52 -12.50
N GLN A 75 -7.21 8.66 -13.14
CA GLN A 75 -6.22 8.69 -14.20
C GLN A 75 -4.84 8.30 -13.66
N GLN A 76 -4.52 8.78 -12.47
CA GLN A 76 -3.20 8.51 -11.91
C GLN A 76 -3.05 7.04 -11.53
N GLU A 77 -4.11 6.44 -10.97
CA GLU A 77 -4.06 5.03 -10.64
C GLU A 77 -3.77 4.17 -11.87
N ILE A 78 -4.48 4.44 -12.95
CA ILE A 78 -4.29 3.70 -14.19
C ILE A 78 -2.88 3.88 -14.75
N THR A 79 -2.42 5.12 -14.77
CA THR A 79 -1.09 5.42 -15.28
C THR A 79 -0.02 4.68 -14.50
N VAL A 80 -0.11 4.74 -13.17
CA VAL A 80 0.88 4.05 -12.34
C VAL A 80 0.80 2.53 -12.48
N LEU A 81 -0.41 1.97 -12.42
CA LEU A 81 -0.59 0.52 -12.60
C LEU A 81 0.00 0.06 -13.92
N SER A 82 -0.27 0.84 -14.97
CA SER A 82 0.15 0.46 -16.31
C SER A 82 1.67 0.51 -16.48
N GLN A 83 2.32 1.33 -15.67
CA GLN A 83 3.76 1.53 -15.80
C GLN A 83 4.59 0.65 -14.86
N CYS A 84 3.93 -0.11 -13.99
CA CYS A 84 4.67 -0.97 -13.08
C CYS A 84 4.70 -2.41 -13.56
N ASP A 85 5.84 -3.06 -13.38
CA ASP A 85 5.98 -4.48 -13.66
C ASP A 85 6.87 -5.08 -12.59
N SER A 86 6.27 -5.37 -11.44
CA SER A 86 7.00 -5.86 -10.28
C SER A 86 6.15 -6.87 -9.53
N PRO A 87 6.78 -7.93 -9.00
CA PRO A 87 6.08 -8.91 -8.16
C PRO A 87 5.52 -8.28 -6.90
N TYR A 88 5.96 -7.07 -6.57
CA TYR A 88 5.62 -6.45 -5.29
C TYR A 88 4.58 -5.36 -5.45
N VAL A 89 4.11 -5.19 -6.67
CA VAL A 89 3.10 -4.19 -7.01
C VAL A 89 1.96 -4.92 -7.71
N THR A 90 0.73 -4.70 -7.26
CA THR A 90 -0.46 -5.33 -7.86
C THR A 90 -0.39 -5.32 -9.38
N LYS A 91 -0.42 -6.52 -9.96
CA LYS A 91 -0.31 -6.70 -11.40
C LYS A 91 -1.53 -6.14 -12.14
N TYR A 92 -1.30 -5.60 -13.34
CA TYR A 92 -2.31 -4.88 -14.09
C TYR A 92 -2.62 -5.60 -15.39
N TYR A 93 -3.89 -5.89 -15.63
CA TYR A 93 -4.30 -6.51 -16.89
C TYR A 93 -4.60 -5.45 -17.94
N GLY A 94 -5.36 -4.44 -17.53
CA GLY A 94 -5.73 -3.37 -18.44
C GLY A 94 -6.94 -2.62 -17.96
N SER A 95 -7.25 -1.53 -18.65
CA SER A 95 -8.43 -0.74 -18.38
C SER A 95 -9.34 -0.81 -19.59
N TYR A 96 -10.63 -0.99 -19.33
CA TYR A 96 -11.59 -1.22 -20.39
C TYR A 96 -12.76 -0.27 -20.24
N LEU A 97 -13.18 0.28 -21.37
CA LEU A 97 -14.38 1.10 -21.39
C LEU A 97 -15.58 0.23 -21.68
N LYS A 98 -16.62 0.35 -20.85
CA LYS A 98 -17.88 -0.33 -21.08
C LYS A 98 -19.02 0.64 -20.83
N ASP A 99 -19.59 1.16 -21.91
CA ASP A 99 -20.58 2.24 -21.83
C ASP A 99 -20.01 3.39 -21.01
N THR A 100 -20.69 3.77 -19.93
CA THR A 100 -20.22 4.90 -19.12
C THR A 100 -19.29 4.47 -17.99
N LYS A 101 -18.95 3.18 -17.96
CA LYS A 101 -18.12 2.63 -16.90
C LYS A 101 -16.70 2.33 -17.35
N LEU A 102 -15.77 2.48 -16.42
CA LEU A 102 -14.39 2.05 -16.60
C LEU A 102 -14.16 0.80 -15.77
N TRP A 103 -13.63 -0.25 -16.40
CA TRP A 103 -13.22 -1.45 -15.68
C TRP A 103 -11.69 -1.48 -15.59
N ILE A 104 -11.16 -1.42 -14.37
CA ILE A 104 -9.73 -1.56 -14.16
C ILE A 104 -9.48 -2.98 -13.67
N ILE A 105 -8.79 -3.77 -14.48
CA ILE A 105 -8.66 -5.20 -14.22
C ILE A 105 -7.26 -5.51 -13.71
N MET A 106 -7.22 -6.20 -12.57
CA MET A 106 -5.98 -6.40 -11.82
C MET A 106 -5.84 -7.82 -11.33
N GLU A 107 -4.63 -8.13 -10.87
CA GLU A 107 -4.35 -9.31 -10.09
C GLU A 107 -5.35 -9.47 -8.93
N TYR A 108 -5.91 -10.67 -8.75
CA TYR A 108 -6.74 -10.95 -7.58
C TYR A 108 -5.86 -11.31 -6.40
N LEU A 109 -5.99 -10.56 -5.31
CA LEU A 109 -5.20 -10.83 -4.10
C LEU A 109 -6.16 -11.21 -2.99
N GLY A 110 -6.30 -12.52 -2.75
CA GLY A 110 -7.37 -13.02 -1.91
C GLY A 110 -7.04 -13.32 -0.45
N GLY A 111 -5.84 -12.97 -0.01
CA GLY A 111 -5.42 -13.34 1.33
C GLY A 111 -5.86 -12.38 2.42
N GLY A 112 -6.26 -11.18 2.02
CA GLY A 112 -6.62 -10.14 2.99
C GLY A 112 -5.56 -9.06 3.04
N SER A 113 -5.91 -7.89 3.52
CA SER A 113 -4.89 -6.84 3.70
C SER A 113 -4.10 -7.12 4.96
N ALA A 114 -2.93 -6.50 5.11
CA ALA A 114 -2.16 -6.68 6.33
C ALA A 114 -2.97 -6.20 7.54
N LEU A 115 -3.79 -5.16 7.35
CA LEU A 115 -4.64 -4.66 8.43
C LEU A 115 -5.68 -5.70 8.82
N ASP A 116 -6.26 -6.37 7.82
CA ASP A 116 -7.21 -7.45 8.09
C ASP A 116 -6.56 -8.53 8.94
N LEU A 117 -5.35 -8.89 8.57
CA LEU A 117 -4.64 -9.99 9.20
C LEU A 117 -4.25 -9.68 10.65
N LEU A 118 -4.31 -8.39 11.00
CA LEU A 118 -4.11 -7.94 12.37
C LEU A 118 -5.32 -8.13 13.27
N GLU A 119 -6.50 -8.26 12.66
CA GLU A 119 -7.74 -8.31 13.44
C GLU A 119 -7.80 -9.40 14.51
N PRO A 120 -7.33 -10.64 14.21
CA PRO A 120 -7.44 -11.70 15.23
C PRO A 120 -6.49 -11.57 16.41
N GLY A 121 -5.49 -10.70 16.33
CA GLY A 121 -4.54 -10.54 17.41
C GLY A 121 -3.15 -10.21 16.89
N PRO A 122 -2.17 -10.11 17.80
CA PRO A 122 -0.81 -9.67 17.47
C PRO A 122 -0.08 -10.55 16.48
N LEU A 123 0.80 -9.92 15.70
CA LEU A 123 1.75 -10.63 14.85
C LEU A 123 3.00 -10.93 15.64
N ASP A 124 3.78 -11.92 15.23
CA ASP A 124 5.09 -12.09 15.83
C ASP A 124 6.14 -11.39 14.97
N GLU A 125 7.36 -11.28 15.46
CA GLU A 125 8.34 -10.45 14.77
C GLU A 125 8.81 -11.07 13.46
N THR A 126 8.74 -12.39 13.32
CA THR A 126 9.00 -13.02 12.04
C THR A 126 7.97 -12.56 10.99
N GLN A 127 6.71 -12.54 11.39
CA GLN A 127 5.66 -12.08 10.48
C GLN A 127 5.80 -10.60 10.14
N ILE A 128 6.08 -9.78 11.15
CA ILE A 128 6.30 -8.36 10.93
C ILE A 128 7.47 -8.13 9.98
N ALA A 129 8.59 -8.81 10.21
CA ALA A 129 9.76 -8.63 9.36
C ALA A 129 9.53 -9.11 7.93
N THR A 130 8.79 -10.21 7.79
CA THR A 130 8.52 -10.72 6.46
C THR A 130 7.64 -9.74 5.67
N ILE A 131 6.59 -9.23 6.30
CA ILE A 131 5.69 -8.29 5.64
C ILE A 131 6.46 -7.01 5.29
N LEU A 132 7.24 -6.51 6.24
CA LEU A 132 8.02 -5.28 5.97
C LEU A 132 9.05 -5.47 4.85
N ARG A 133 9.70 -6.63 4.81
CA ARG A 133 10.66 -6.90 3.74
C ARG A 133 9.98 -6.79 2.38
N GLU A 134 8.80 -7.39 2.24
CA GLU A 134 8.13 -7.36 0.96
C GLU A 134 7.63 -5.95 0.62
N ILE A 135 7.18 -5.22 1.63
CA ILE A 135 6.80 -3.82 1.39
C ILE A 135 8.02 -3.03 0.89
N LEU A 136 9.15 -3.26 1.53
CA LEU A 136 10.40 -2.60 1.15
C LEU A 136 10.83 -2.92 -0.27
N LYS A 137 10.67 -4.17 -0.70
CA LYS A 137 10.97 -4.51 -2.09
C LYS A 137 10.06 -3.74 -3.06
N GLY A 138 8.80 -3.58 -2.68
CA GLY A 138 7.86 -2.80 -3.46
C GLY A 138 8.25 -1.32 -3.51
N LEU A 139 8.62 -0.76 -2.37
CA LEU A 139 9.07 0.62 -2.32
C LEU A 139 10.37 0.82 -3.10
N ASP A 140 11.29 -0.13 -2.98
CA ASP A 140 12.55 -0.02 -3.69
C ASP A 140 12.25 0.03 -5.20
N TYR A 141 11.31 -0.80 -5.65
CA TYR A 141 10.93 -0.80 -7.05
C TYR A 141 10.32 0.55 -7.44
N LEU A 142 9.31 0.99 -6.69
CA LEU A 142 8.65 2.25 -7.01
C LEU A 142 9.61 3.42 -7.03
N HIS A 143 10.45 3.50 -6.01
CA HIS A 143 11.35 4.63 -5.87
C HIS A 143 12.40 4.62 -6.98
N SER A 144 12.78 3.43 -7.43
CA SER A 144 13.74 3.33 -8.55
C SER A 144 13.12 3.82 -9.86
N GLU A 145 11.80 3.74 -9.94
CA GLU A 145 11.02 4.23 -11.07
C GLU A 145 10.57 5.68 -10.87
N LYS A 146 11.14 6.32 -9.85
CA LYS A 146 10.83 7.70 -9.48
C LYS A 146 9.36 7.88 -9.11
N LYS A 147 8.75 6.82 -8.59
CA LYS A 147 7.38 6.90 -8.12
C LYS A 147 7.32 6.93 -6.59
N ILE A 148 6.37 7.67 -6.04
CA ILE A 148 6.19 7.72 -4.58
C ILE A 148 4.76 7.26 -4.33
N HIS A 149 4.58 6.31 -3.43
CA HIS A 149 3.25 5.75 -3.21
C HIS A 149 2.33 6.75 -2.50
N ARG A 150 2.85 7.29 -1.39
CA ARG A 150 2.23 8.37 -0.62
C ARG A 150 1.02 7.98 0.24
N ASP A 151 0.62 6.71 0.20
CA ASP A 151 -0.43 6.24 1.11
C ASP A 151 -0.08 4.85 1.63
N ILE A 152 1.15 4.72 2.12
CA ILE A 152 1.60 3.46 2.68
C ILE A 152 0.99 3.30 4.07
N LYS A 153 0.28 2.20 4.27
CA LYS A 153 -0.34 1.81 5.54
C LYS A 153 -0.79 0.37 5.38
N ALA A 154 -1.07 -0.31 6.49
CA ALA A 154 -1.36 -1.75 6.44
C ALA A 154 -2.58 -2.08 5.57
N ALA A 155 -3.57 -1.18 5.51
CA ALA A 155 -4.75 -1.42 4.69
C ALA A 155 -4.45 -1.42 3.20
N ASN A 156 -3.32 -0.83 2.80
CA ASN A 156 -2.96 -0.81 1.37
C ASN A 156 -1.87 -1.81 1.00
N VAL A 157 -1.66 -2.76 1.90
CA VAL A 157 -0.75 -3.87 1.67
C VAL A 157 -1.59 -5.14 1.57
N LEU A 158 -1.68 -5.70 0.38
CA LEU A 158 -2.57 -6.84 0.14
C LEU A 158 -1.80 -8.12 -0.06
N LEU A 159 -2.35 -9.21 0.47
CA LEU A 159 -1.67 -10.50 0.32
C LEU A 159 -2.45 -11.42 -0.61
N SER A 160 -1.72 -12.31 -1.28
CA SER A 160 -2.35 -13.40 -2.02
C SER A 160 -2.68 -14.55 -1.08
N GLU A 161 -3.44 -15.53 -1.56
CA GLU A 161 -3.83 -16.63 -0.69
C GLU A 161 -2.63 -17.47 -0.27
N HIS A 162 -1.51 -17.30 -0.97
CA HIS A 162 -0.33 -18.10 -0.67
C HIS A 162 0.73 -17.26 0.03
N GLY A 163 0.35 -16.05 0.43
CA GLY A 163 1.22 -15.24 1.26
C GLY A 163 2.12 -14.23 0.56
N GLU A 164 2.00 -14.06 -0.75
CA GLU A 164 2.74 -12.99 -1.42
C GLU A 164 2.16 -11.66 -0.99
N VAL A 165 3.04 -10.67 -0.89
CA VAL A 165 2.67 -9.36 -0.36
C VAL A 165 2.87 -8.31 -1.46
N LYS A 166 1.83 -7.52 -1.74
CA LYS A 166 1.89 -6.53 -2.82
C LYS A 166 1.33 -5.19 -2.36
N LEU A 167 1.89 -4.12 -2.91
CA LEU A 167 1.37 -2.79 -2.69
C LEU A 167 0.12 -2.57 -3.51
N ALA A 168 -0.85 -1.85 -2.94
CA ALA A 168 -2.11 -1.51 -3.63
C ALA A 168 -2.45 -0.03 -3.46
N ASP A 169 -3.44 0.43 -4.23
CA ASP A 169 -4.08 1.75 -4.07
C ASP A 169 -3.14 2.89 -4.46
N PHE A 170 -3.13 3.21 -5.75
CA PHE A 170 -2.16 4.17 -6.31
C PHE A 170 -2.78 5.49 -6.78
N GLY A 171 -4.00 5.76 -6.31
CA GLY A 171 -4.71 6.96 -6.72
C GLY A 171 -3.98 8.27 -6.44
N VAL A 172 -3.24 8.28 -5.33
CA VAL A 172 -2.53 9.51 -4.96
C VAL A 172 -1.02 9.37 -5.08
N ALA A 173 -0.57 8.34 -5.80
CA ALA A 173 0.86 8.22 -6.10
C ALA A 173 1.41 9.46 -6.82
N GLY A 174 2.69 9.74 -6.57
CA GLY A 174 3.37 10.85 -7.23
C GLY A 174 4.43 10.35 -8.17
N GLN A 175 4.71 11.13 -9.20
CA GLN A 175 5.74 10.76 -10.17
C GLN A 175 6.74 11.89 -10.30
N LEU A 176 7.99 11.60 -9.97
CA LEU A 176 9.07 12.58 -10.18
C LEU A 176 9.56 12.46 -11.62
N THR A 177 10.04 13.58 -12.16
CA THR A 177 10.50 13.62 -13.53
C THR A 177 11.81 14.39 -13.58
N ASP A 178 12.38 14.53 -14.78
CA ASP A 178 13.60 15.31 -14.90
C ASP A 178 13.35 16.79 -14.55
N THR A 179 12.13 17.27 -14.72
CA THR A 179 11.83 18.68 -14.44
C THR A 179 11.12 18.93 -13.10
N GLN A 180 10.66 17.84 -12.49
N GLN A 180 10.65 17.86 -12.45
CA GLN A 180 10.04 17.88 -11.16
CA GLN A 180 10.11 18.02 -11.11
C GLN A 180 10.75 16.87 -10.26
C GLN A 180 10.67 16.96 -10.20
N ILE A 181 11.70 17.34 -9.45
CA ILE A 181 12.47 16.41 -8.64
C ILE A 181 11.91 16.22 -7.24
N LYS A 182 10.89 17.00 -6.89
CA LYS A 182 10.18 16.88 -5.62
C LYS A 182 8.68 17.07 -5.86
N ARG A 183 7.85 16.48 -5.00
CA ARG A 183 6.42 16.79 -4.97
C ARG A 183 6.10 17.72 -3.79
N ASN A 184 4.92 18.32 -3.80
CA ASN A 184 4.49 19.06 -2.60
C ASN A 184 3.01 18.91 -2.25
N PHE A 186 -0.43 17.84 -0.66
CA PHE A 186 -0.98 17.33 0.59
C PHE A 186 -1.87 16.12 0.33
N VAL A 187 -1.30 14.92 0.41
CA VAL A 187 -2.05 13.67 0.24
C VAL A 187 -1.53 12.61 1.19
N GLY A 188 -2.38 11.61 1.41
CA GLY A 188 -2.06 10.49 2.26
C GLY A 188 -3.14 10.31 3.29
N THR A 189 -2.82 9.56 4.34
CA THR A 189 -3.76 9.36 5.44
C THR A 189 -3.08 9.94 6.68
N PRO A 190 -3.75 10.89 7.37
CA PRO A 190 -3.06 11.69 8.40
C PRO A 190 -2.15 10.92 9.38
N PHE A 191 -2.62 9.84 10.00
CA PHE A 191 -1.77 9.15 10.99
C PHE A 191 -0.43 8.67 10.41
N TRP A 192 -0.40 8.43 9.10
CA TRP A 192 0.80 7.89 8.45
C TRP A 192 1.61 8.92 7.68
N MET A 193 1.15 10.17 7.62
CA MET A 193 1.80 11.19 6.79
C MET A 193 3.09 11.71 7.42
N ALA A 194 4.10 11.89 6.59
CA ALA A 194 5.38 12.47 7.03
C ALA A 194 5.19 13.95 7.34
N PRO A 195 5.98 14.45 8.30
CA PRO A 195 5.83 15.87 8.65
C PRO A 195 6.00 16.80 7.46
N GLU A 196 6.92 16.49 6.54
CA GLU A 196 7.17 17.40 5.43
C GLU A 196 6.03 17.39 4.41
N VAL A 197 5.23 16.33 4.40
CA VAL A 197 4.06 16.26 3.51
C VAL A 197 2.97 17.13 4.10
N ILE A 198 2.79 17.05 5.41
CA ILE A 198 1.81 17.86 6.11
C ILE A 198 2.13 19.34 5.95
N LYS A 199 3.41 19.70 6.01
CA LYS A 199 3.85 21.07 5.85
C LYS A 199 3.84 21.51 4.38
N GLN A 200 3.62 20.56 3.47
CA GLN A 200 3.65 20.80 2.03
C GLN A 200 4.99 21.39 1.59
N SER A 201 6.04 20.94 2.24
CA SER A 201 7.40 21.19 1.80
C SER A 201 7.66 20.40 0.52
N ALA A 202 8.75 20.71 -0.17
CA ALA A 202 9.17 19.86 -1.28
C ALA A 202 9.68 18.56 -0.70
N TYR A 203 9.07 17.45 -1.11
CA TYR A 203 9.45 16.14 -0.56
C TYR A 203 9.63 15.10 -1.66
N ASP A 204 10.17 13.93 -1.29
CA ASP A 204 10.34 12.88 -2.26
C ASP A 204 10.07 11.52 -1.66
N SER A 205 10.73 10.48 -2.16
CA SER A 205 10.43 9.12 -1.70
C SER A 205 10.69 8.91 -0.22
N LYS A 206 11.48 9.79 0.41
CA LYS A 206 11.72 9.64 1.85
C LYS A 206 10.41 9.77 2.65
N ALA A 207 9.40 10.43 2.07
CA ALA A 207 8.08 10.50 2.72
C ALA A 207 7.49 9.09 2.91
N ASP A 208 7.67 8.23 1.91
CA ASP A 208 7.21 6.84 2.02
C ASP A 208 7.95 6.10 3.13
N ILE A 209 9.21 6.46 3.39
CA ILE A 209 9.99 5.78 4.41
C ILE A 209 9.44 6.13 5.80
N TRP A 210 9.03 7.39 6.00
CA TRP A 210 8.34 7.73 7.24
C TRP A 210 7.06 6.92 7.38
N SER A 211 6.24 6.91 6.33
CA SER A 211 4.99 6.15 6.38
C SER A 211 5.25 4.69 6.67
N LEU A 212 6.35 4.15 6.14
CA LEU A 212 6.75 2.77 6.42
C LEU A 212 7.05 2.56 7.90
N GLY A 213 7.73 3.52 8.51
CA GLY A 213 7.95 3.46 9.95
C GLY A 213 6.67 3.45 10.76
N ILE A 214 5.71 4.28 10.38
CA ILE A 214 4.41 4.27 11.07
C ILE A 214 3.73 2.92 10.85
N THR A 215 3.85 2.38 9.64
CA THR A 215 3.27 1.08 9.33
C THR A 215 3.93 -0.04 10.16
N ALA A 216 5.22 0.06 10.39
CA ALA A 216 5.89 -0.89 11.27
C ALA A 216 5.29 -0.84 12.69
N ILE A 217 5.04 0.35 13.21
CA ILE A 217 4.41 0.46 14.52
C ILE A 217 3.02 -0.18 14.48
N GLU A 218 2.29 0.11 13.40
CA GLU A 218 0.96 -0.46 13.19
C GLU A 218 0.98 -2.00 13.17
N LEU A 219 1.95 -2.57 12.47
CA LEU A 219 2.07 -4.02 12.41
C LEU A 219 2.43 -4.63 13.76
N ALA A 220 3.17 -3.87 14.57
CA ALA A 220 3.64 -4.38 15.87
C ALA A 220 2.61 -4.19 16.99
N ARG A 221 1.92 -3.05 16.96
CA ARG A 221 0.99 -2.68 18.04
C ARG A 221 -0.47 -2.84 17.65
N GLY A 222 -0.75 -2.89 16.35
CA GLY A 222 -2.12 -3.02 15.86
C GLY A 222 -2.73 -1.73 15.33
N GLU A 223 -2.13 -0.60 15.68
CA GLU A 223 -2.65 0.72 15.32
C GLU A 223 -1.49 1.69 15.25
N PRO A 224 -1.62 2.76 14.44
CA PRO A 224 -0.54 3.74 14.39
C PRO A 224 -0.54 4.63 15.61
N PRO A 225 0.54 5.38 15.82
CA PRO A 225 0.52 6.40 16.88
C PRO A 225 -0.62 7.37 16.73
N HIS A 226 -1.15 7.83 17.87
CA HIS A 226 -2.21 8.86 17.92
C HIS A 226 -3.55 8.37 17.36
N SER A 227 -3.76 7.07 17.29
CA SER A 227 -4.95 6.55 16.61
C SER A 227 -6.23 6.87 17.39
N GLU A 228 -6.06 7.29 18.64
CA GLU A 228 -7.20 7.66 19.48
C GLU A 228 -7.75 9.03 19.11
N LEU A 229 -6.90 9.87 18.53
CA LEU A 229 -7.22 11.27 18.31
C LEU A 229 -7.89 11.56 16.97
N HIS A 230 -8.59 12.69 16.90
CA HIS A 230 -9.19 13.13 15.66
C HIS A 230 -8.07 13.41 14.66
N PRO A 231 -8.21 12.94 13.41
CA PRO A 231 -7.15 13.08 12.41
C PRO A 231 -6.71 14.52 12.18
N MET A 232 -7.60 15.49 12.40
CA MET A 232 -7.21 16.88 12.20
C MET A 232 -6.21 17.32 13.26
N LYS A 233 -6.36 16.80 14.47
CA LYS A 233 -5.42 17.14 15.53
C LYS A 233 -4.02 16.61 15.21
N VAL A 234 -3.92 15.45 14.59
CA VAL A 234 -2.59 14.91 14.35
C VAL A 234 -1.85 15.75 13.29
N LEU A 235 -2.59 16.54 12.52
CA LEU A 235 -1.96 17.45 11.57
C LEU A 235 -1.09 18.55 12.20
N PHE A 236 -1.33 18.91 13.45
CA PHE A 236 -0.37 19.78 14.16
C PHE A 236 0.58 18.94 15.02
N LEU A 237 0.08 17.82 15.53
CA LEU A 237 0.88 16.98 16.41
C LEU A 237 2.11 16.45 15.67
N ILE A 238 1.94 16.07 14.40
CA ILE A 238 3.03 15.36 13.74
C ILE A 238 4.23 16.28 13.42
N PRO A 239 3.99 17.49 12.86
CA PRO A 239 5.20 18.30 12.60
C PRO A 239 5.85 18.83 13.87
N LYS A 240 5.06 19.00 14.93
CA LYS A 240 5.58 19.58 16.16
C LYS A 240 6.22 18.53 17.08
N ASN A 241 5.52 17.42 17.33
CA ASN A 241 5.99 16.45 18.30
C ASN A 241 7.28 15.78 17.86
N ASN A 242 8.04 15.29 18.83
CA ASN A 242 9.10 14.33 18.57
C ASN A 242 8.51 13.19 17.77
N PRO A 243 9.33 12.54 16.93
CA PRO A 243 8.80 11.39 16.21
C PRO A 243 8.36 10.27 17.14
N PRO A 244 7.37 9.49 16.71
CA PRO A 244 6.98 8.32 17.51
C PRO A 244 8.11 7.33 17.66
N THR A 245 8.06 6.57 18.75
CA THR A 245 8.95 5.43 18.90
C THR A 245 8.10 4.20 19.15
N LEU A 246 8.70 3.04 18.98
CA LEU A 246 7.99 1.80 19.25
C LEU A 246 8.16 1.46 20.71
N GLU A 247 7.05 1.50 21.45
CA GLU A 247 7.07 1.24 22.89
C GLU A 247 6.54 -0.16 23.15
N GLY A 248 7.15 -0.84 24.11
CA GLY A 248 6.74 -2.19 24.45
C GLY A 248 7.89 -3.17 24.40
N ASN A 249 7.58 -4.43 24.69
CA ASN A 249 8.62 -5.44 24.73
C ASN A 249 8.86 -6.03 23.36
N TYR A 250 9.60 -5.28 22.55
CA TYR A 250 9.97 -5.67 21.19
C TYR A 250 11.47 -5.77 21.11
N SER A 251 11.98 -6.51 20.13
CA SER A 251 13.42 -6.65 20.00
C SER A 251 14.07 -5.30 19.73
N LYS A 252 15.31 -5.15 20.17
CA LYS A 252 16.06 -3.92 19.91
C LYS A 252 16.15 -3.61 18.40
N PRO A 253 16.42 -4.62 17.53
CA PRO A 253 16.46 -4.27 16.10
C PRO A 253 15.14 -3.73 15.55
N LEU A 254 14.00 -4.24 15.99
CA LEU A 254 12.72 -3.70 15.53
C LEU A 254 12.56 -2.25 16.00
N LYS A 255 12.88 -1.98 17.26
CA LYS A 255 12.78 -0.62 17.76
C LYS A 255 13.70 0.31 16.97
N GLU A 256 14.89 -0.18 16.63
CA GLU A 256 15.85 0.64 15.89
C GLU A 256 15.43 0.83 14.44
N PHE A 257 14.76 -0.17 13.87
CA PHE A 257 14.22 -0.06 12.52
C PHE A 257 13.23 1.08 12.46
N VAL A 258 12.33 1.09 13.42
CA VAL A 258 11.31 2.14 13.52
C VAL A 258 11.96 3.52 13.69
N GLU A 259 12.95 3.61 14.58
CA GLU A 259 13.66 4.87 14.83
C GLU A 259 14.35 5.40 13.57
N ALA A 260 14.90 4.50 12.77
CA ALA A 260 15.62 4.89 11.56
C ALA A 260 14.65 5.55 10.58
N CYS A 261 13.47 4.96 10.45
CA CYS A 261 12.44 5.48 9.53
C CYS A 261 11.88 6.80 9.99
N LEU A 262 11.67 6.91 11.30
CA LEU A 262 10.95 8.04 11.85
C LEU A 262 11.91 9.13 12.33
N ASN A 263 12.67 9.66 11.39
CA ASN A 263 13.48 10.84 11.61
C ASN A 263 12.75 12.04 11.02
N LYS A 264 12.67 13.14 11.78
CA LYS A 264 12.00 14.34 11.28
C LYS A 264 12.67 14.92 10.04
N GLU A 265 13.98 14.75 9.92
CA GLU A 265 14.71 15.21 8.74
C GLU A 265 14.75 14.11 7.67
N PRO A 266 14.09 14.35 6.53
CA PRO A 266 13.95 13.26 5.55
C PRO A 266 15.30 12.75 5.03
N SER A 267 16.29 13.64 4.91
CA SER A 267 17.56 13.21 4.32
C SER A 267 18.32 12.30 5.27
N PHE A 268 17.88 12.20 6.52
CA PHE A 268 18.51 11.32 7.50
C PHE A 268 17.83 9.94 7.55
N ARG A 269 16.71 9.81 6.85
CA ARG A 269 16.04 8.51 6.74
C ARG A 269 16.79 7.65 5.73
N PRO A 270 16.91 6.35 6.00
CA PRO A 270 17.51 5.46 5.01
C PRO A 270 16.61 5.28 3.79
N THR A 271 17.18 4.81 2.69
CA THR A 271 16.40 4.38 1.54
C THR A 271 15.79 3.01 1.79
N ALA A 272 14.84 2.62 0.96
CA ALA A 272 14.26 1.28 1.04
C ALA A 272 15.34 0.23 0.84
N LYS A 273 16.24 0.49 -0.10
CA LYS A 273 17.33 -0.44 -0.37
C LYS A 273 18.20 -0.68 0.86
N GLU A 274 18.50 0.40 1.57
CA GLU A 274 19.29 0.30 2.80
C GLU A 274 18.54 -0.44 3.88
N LEU A 275 17.24 -0.20 3.99
CA LEU A 275 16.46 -0.88 5.01
C LEU A 275 16.34 -2.38 4.78
N LEU A 276 16.45 -2.83 3.53
CA LEU A 276 16.44 -4.27 3.25
C LEU A 276 17.64 -4.99 3.87
N LYS A 277 18.66 -4.22 4.23
CA LYS A 277 19.85 -4.76 4.88
C LYS A 277 19.83 -4.59 6.40
N HIS A 278 18.73 -4.04 6.91
CA HIS A 278 18.65 -3.78 8.34
C HIS A 278 18.65 -5.10 9.12
N LYS A 279 19.32 -5.07 10.28
CA LYS A 279 19.43 -6.23 11.15
C LYS A 279 18.07 -6.85 11.47
N PHE A 280 17.05 -6.01 11.68
CA PHE A 280 15.72 -6.55 11.96
C PHE A 280 15.20 -7.42 10.83
N ILE A 281 15.41 -6.96 9.59
CA ILE A 281 14.90 -7.69 8.44
C ILE A 281 15.72 -8.96 8.20
N LEU A 282 17.04 -8.83 8.20
CA LEU A 282 17.92 -9.98 7.95
C LEU A 282 17.76 -11.07 8.98
N ARG A 283 17.62 -10.69 10.25
CA ARG A 283 17.52 -11.67 11.31
C ARG A 283 16.17 -12.37 11.39
N ASN A 284 15.10 -11.70 10.97
CA ASN A 284 13.77 -12.19 11.28
C ASN A 284 12.87 -12.55 10.10
N ALA A 285 13.13 -11.99 8.91
CA ALA A 285 12.25 -12.25 7.79
C ALA A 285 12.47 -13.66 7.27
N LYS A 286 11.38 -14.35 6.99
CA LYS A 286 11.45 -15.71 6.43
C LYS A 286 10.65 -15.81 5.14
N LYS A 287 10.48 -17.03 4.63
CA LYS A 287 9.71 -17.26 3.42
C LYS A 287 8.30 -16.67 3.49
N THR A 288 7.87 -16.02 2.41
CA THR A 288 6.53 -15.44 2.40
C THR A 288 5.46 -16.53 2.53
N SER A 289 5.76 -17.75 2.08
CA SER A 289 4.77 -18.82 2.18
C SER A 289 4.31 -19.08 3.61
N TYR A 290 5.17 -18.80 4.59
CA TYR A 290 4.80 -19.00 5.98
C TYR A 290 3.67 -18.07 6.41
N LEU A 291 3.45 -16.99 5.66
CA LEU A 291 2.37 -16.06 5.98
C LEU A 291 0.99 -16.67 5.77
N THR A 292 0.93 -17.81 5.08
CA THR A 292 -0.36 -18.52 4.95
C THR A 292 -0.94 -18.87 6.31
N GLU A 293 -0.08 -19.03 7.32
CA GLU A 293 -0.55 -19.25 8.69
C GLU A 293 -1.43 -18.09 9.15
N LEU A 294 -1.00 -16.87 8.83
CA LEU A 294 -1.74 -15.68 9.18
C LEU A 294 -3.04 -15.58 8.41
N ILE A 295 -2.97 -15.97 7.15
CA ILE A 295 -4.13 -15.94 6.29
C ILE A 295 -5.19 -16.94 6.81
N ASP A 296 -4.75 -18.13 7.20
CA ASP A 296 -5.67 -19.13 7.76
C ASP A 296 -6.26 -18.64 9.09
N ARG A 297 -5.43 -18.00 9.91
CA ARG A 297 -5.91 -17.44 11.17
C ARG A 297 -7.06 -16.44 10.94
N TYR A 298 -6.91 -15.59 9.93
CA TYR A 298 -7.95 -14.62 9.61
C TYR A 298 -9.21 -15.31 9.11
N LYS A 299 -9.06 -16.30 8.23
CA LYS A 299 -10.23 -17.04 7.74
C LYS A 299 -11.00 -17.71 8.88
N ARG A 300 -10.26 -18.30 9.81
CA ARG A 300 -10.87 -18.95 10.99
C ARG A 300 -11.58 -17.91 11.83
N TRP A 301 -10.89 -16.81 12.09
CA TRP A 301 -11.44 -15.75 12.91
C TRP A 301 -12.70 -15.15 12.30
N LYS A 302 -12.69 -14.86 11.00
CA LYS A 302 -13.85 -14.26 10.34
C LYS A 302 -15.03 -15.21 10.38
N ALA A 303 -14.76 -16.51 10.33
CA ALA A 303 -15.81 -17.52 10.36
C ALA A 303 -16.38 -17.73 11.75
N GLU A 304 -15.55 -17.60 12.78
CA GLU A 304 -16.00 -17.82 14.15
C GLU A 304 -16.76 -16.60 14.65
N GLN A 305 -16.53 -15.47 13.98
CA GLN A 305 -17.19 -14.20 14.30
C GLN A 305 -18.71 -14.31 14.30
#